data_5D21
#
_entry.id   5D21
#
_cell.length_a   40.539
_cell.length_b   72.940
_cell.length_c   79.008
_cell.angle_alpha   117.510
_cell.angle_beta   104.900
_cell.angle_gamma   89.910
#
_symmetry.space_group_name_H-M   'P 1'
#
loop_
_entity.id
_entity.type
_entity.pdbx_description
1 polymer LecA
2 non-polymer 'CALCIUM ION'
3 non-polymer 'phenyl beta-D-galactopyranoside'
4 water water
#
_entity_poly.entity_id   1
_entity_poly.type   'polypeptide(L)'
_entity_poly.pdbx_seq_one_letter_code
;AWKGEVLANNEAGQVTSIIYNPGDVITIVAAGWASYGPTQKWGPQGDREHPDQGLICHDAFCGALVMKIGNSGTIPVNTG
LFRWVAPNNVQGAITLIYNDVPGTYGNNSGSFSVNIGKDQS
;
_entity_poly.pdbx_strand_id   A,B,C,D
#
# COMPACT_ATOMS: atom_id res chain seq x y z
N ALA A 1 -5.60 5.27 -9.36
CA ALA A 1 -6.42 4.08 -9.58
C ALA A 1 -7.47 4.34 -10.65
N TRP A 2 -7.92 3.26 -11.29
CA TRP A 2 -8.91 3.35 -12.36
C TRP A 2 -10.12 2.48 -12.06
N LYS A 3 -11.30 3.01 -12.34
CA LYS A 3 -12.52 2.23 -12.26
C LYS A 3 -13.38 2.55 -13.49
N GLY A 4 -13.98 1.53 -14.07
CA GLY A 4 -14.82 1.74 -15.24
C GLY A 4 -15.39 0.45 -15.78
N GLU A 5 -16.23 0.57 -16.80
CA GLU A 5 -16.92 -0.58 -17.36
C GLU A 5 -16.23 -1.08 -18.63
N VAL A 6 -16.29 -2.39 -18.83
CA VAL A 6 -15.73 -3.01 -20.03
C VAL A 6 -16.86 -3.71 -20.76
N LEU A 7 -17.25 -3.16 -21.90
CA LEU A 7 -18.38 -3.71 -22.66
C LEU A 7 -18.01 -4.96 -23.43
N ALA A 8 -18.87 -5.97 -23.35
CA ALA A 8 -18.63 -7.25 -24.00
C ALA A 8 -18.52 -7.15 -25.52
N ASN A 9 -19.22 -6.18 -26.11
CA ASN A 9 -19.22 -6.05 -27.56
C ASN A 9 -18.15 -5.09 -28.07
N ASN A 10 -17.30 -4.61 -27.17
CA ASN A 10 -16.21 -3.71 -27.53
C ASN A 10 -14.98 -4.51 -27.97
N GLU A 11 -14.88 -4.77 -29.28
CA GLU A 11 -13.82 -5.62 -29.79
C GLU A 11 -12.44 -5.00 -29.61
N ALA A 12 -12.37 -3.67 -29.71
CA ALA A 12 -11.11 -2.97 -29.56
C ALA A 12 -10.67 -2.91 -28.10
N GLY A 13 -11.63 -3.10 -27.20
CA GLY A 13 -11.33 -3.14 -25.77
C GLY A 13 -11.39 -1.78 -25.11
N GLN A 14 -11.35 -1.76 -23.79
CA GLN A 14 -11.44 -0.52 -23.02
C GLN A 14 -10.07 -0.09 -22.52
N VAL A 15 -9.58 1.04 -23.02
CA VAL A 15 -8.30 1.57 -22.55
C VAL A 15 -8.49 2.19 -21.16
N THR A 16 -7.52 2.01 -20.29
CA THR A 16 -7.60 2.56 -18.94
C THR A 16 -6.56 3.65 -18.76
N SER A 17 -6.61 4.32 -17.61
CA SER A 17 -5.65 5.37 -17.28
C SER A 17 -4.38 4.77 -16.66
N ILE A 18 -4.36 3.45 -16.53
CA ILE A 18 -3.22 2.78 -15.90
C ILE A 18 -2.12 2.47 -16.91
N ILE A 19 -0.94 3.05 -16.69
CA ILE A 19 0.25 2.66 -17.43
C ILE A 19 1.07 1.73 -16.55
N TYR A 20 1.19 0.47 -16.95
CA TYR A 20 2.03 -0.45 -16.18
C TYR A 20 3.48 -0.17 -16.50
N ASN A 21 4.25 0.12 -15.46
CA ASN A 21 5.69 0.35 -15.60
C ASN A 21 6.47 -0.79 -14.96
N PRO A 22 7.70 -1.03 -15.43
CA PRO A 22 8.57 -2.06 -14.85
C PRO A 22 8.66 -1.94 -13.32
N GLY A 23 8.42 -3.05 -12.63
CA GLY A 23 8.49 -3.09 -11.18
C GLY A 23 7.15 -2.88 -10.50
N ASP A 24 6.17 -2.38 -11.25
CA ASP A 24 4.85 -2.13 -10.70
C ASP A 24 4.16 -3.38 -10.17
N VAL A 25 3.44 -3.21 -9.08
CA VAL A 25 2.56 -4.25 -8.56
C VAL A 25 1.13 -3.73 -8.67
N ILE A 26 0.24 -4.51 -9.29
CA ILE A 26 -1.13 -4.05 -9.45
C ILE A 26 -2.16 -5.05 -8.91
N THR A 27 -3.32 -4.53 -8.56
CA THR A 27 -4.44 -5.35 -8.17
C THR A 27 -5.62 -5.01 -9.05
N ILE A 28 -6.28 -6.05 -9.56
CA ILE A 28 -7.49 -5.88 -10.35
C ILE A 28 -8.63 -6.67 -9.72
N VAL A 29 -9.81 -6.07 -9.65
CA VAL A 29 -11.01 -6.79 -9.25
C VAL A 29 -12.11 -6.53 -10.26
N ALA A 30 -12.66 -7.59 -10.83
CA ALA A 30 -13.67 -7.45 -11.86
C ALA A 30 -14.97 -8.12 -11.43
N ALA A 31 -16.09 -7.50 -11.77
CA ALA A 31 -17.40 -8.01 -11.42
C ALA A 31 -18.41 -7.79 -12.54
N GLY A 32 -19.51 -8.52 -12.51
CA GLY A 32 -20.57 -8.28 -13.47
C GLY A 32 -20.93 -9.47 -14.33
N TRP A 33 -21.81 -9.23 -15.29
CA TRP A 33 -22.38 -10.29 -16.12
C TRP A 33 -22.37 -9.92 -17.59
N ALA A 34 -21.93 -10.85 -18.43
CA ALA A 34 -21.86 -10.61 -19.86
C ALA A 34 -22.06 -11.89 -20.66
N SER A 35 -22.32 -11.74 -21.96
CA SER A 35 -22.53 -12.87 -22.84
C SER A 35 -21.83 -12.66 -24.18
N TYR A 36 -21.33 -13.74 -24.75
CA TYR A 36 -20.70 -13.71 -26.07
C TYR A 36 -21.74 -14.01 -27.16
N GLY A 37 -23.00 -14.09 -26.77
CA GLY A 37 -24.06 -14.42 -27.72
C GLY A 37 -25.32 -15.04 -27.12
N PRO A 38 -25.17 -16.14 -26.36
CA PRO A 38 -26.34 -16.78 -25.75
C PRO A 38 -27.12 -15.87 -24.80
N THR A 39 -28.39 -16.21 -24.57
CA THR A 39 -29.22 -15.45 -23.65
C THR A 39 -28.66 -15.50 -22.24
N GLN A 40 -28.02 -16.61 -21.90
CA GLN A 40 -27.34 -16.76 -20.62
C GLN A 40 -26.21 -15.76 -20.50
N LYS A 41 -25.87 -15.37 -19.27
CA LYS A 41 -24.72 -14.52 -19.04
C LYS A 41 -23.74 -15.20 -18.08
N TRP A 42 -22.47 -14.83 -18.19
CA TRP A 42 -21.41 -15.42 -17.37
C TRP A 42 -20.60 -14.32 -16.69
N GLY A 43 -19.92 -14.69 -15.61
CA GLY A 43 -19.04 -13.76 -14.92
C GLY A 43 -17.72 -13.59 -15.65
N PRO A 44 -16.78 -12.85 -15.03
CA PRO A 44 -15.52 -12.56 -15.72
C PRO A 44 -14.57 -13.76 -15.91
N GLN A 45 -14.95 -14.94 -15.42
CA GLN A 45 -14.20 -16.15 -15.74
C GLN A 45 -14.72 -16.77 -17.03
N GLY A 46 -15.83 -16.26 -17.53
CA GLY A 46 -16.41 -16.73 -18.77
C GLY A 46 -17.14 -18.06 -18.67
N ASP A 47 -17.25 -18.74 -19.81
CA ASP A 47 -18.00 -19.98 -19.92
C ASP A 47 -17.05 -21.17 -20.06
N ARG A 48 -16.95 -21.97 -19.01
CA ARG A 48 -16.02 -23.10 -18.96
C ARG A 48 -16.44 -24.24 -19.88
N GLU A 49 -17.66 -24.20 -20.39
CA GLU A 49 -18.18 -25.29 -21.21
C GLU A 49 -18.02 -25.03 -22.72
N HIS A 50 -17.76 -23.77 -23.07
CA HIS A 50 -17.70 -23.37 -24.48
C HIS A 50 -16.33 -23.64 -25.11
N PRO A 51 -16.33 -24.31 -26.27
CA PRO A 51 -15.08 -24.58 -26.99
C PRO A 51 -14.42 -23.32 -27.53
N ASP A 52 -13.08 -23.29 -27.48
CA ASP A 52 -12.28 -22.22 -28.06
C ASP A 52 -12.33 -22.30 -29.58
N GLN A 53 -12.89 -21.28 -30.22
CA GLN A 53 -13.02 -21.26 -31.67
C GLN A 53 -12.22 -20.13 -32.30
N GLY A 54 -11.13 -19.73 -31.65
CA GLY A 54 -10.29 -18.67 -32.14
C GLY A 54 -10.32 -17.45 -31.24
N LEU A 55 -10.38 -17.68 -29.94
CA LEU A 55 -10.42 -16.60 -28.95
C LEU A 55 -9.16 -15.74 -29.00
N ILE A 56 -9.32 -14.46 -28.70
CA ILE A 56 -8.16 -13.56 -28.67
C ILE A 56 -7.20 -13.95 -27.55
N CYS A 57 -7.71 -14.68 -26.56
CA CYS A 57 -6.87 -15.24 -25.51
C CYS A 57 -7.17 -16.73 -25.33
N HIS A 58 -6.21 -17.57 -25.71
CA HIS A 58 -6.41 -19.01 -25.66
C HIS A 58 -6.18 -19.56 -24.25
N ASP A 59 -5.71 -18.71 -23.34
CA ASP A 59 -5.46 -19.13 -21.97
C ASP A 59 -6.59 -18.76 -21.03
N ALA A 60 -7.72 -18.36 -21.60
CA ALA A 60 -8.91 -18.04 -20.81
C ALA A 60 -10.15 -18.53 -21.56
N PHE A 61 -11.23 -18.74 -20.83
CA PHE A 61 -12.47 -19.19 -21.44
C PHE A 61 -13.12 -18.09 -22.26
N CYS A 62 -14.00 -18.48 -23.19
CA CYS A 62 -14.80 -17.54 -23.93
C CYS A 62 -15.68 -16.76 -22.96
N GLY A 63 -15.68 -15.44 -23.07
CA GLY A 63 -16.47 -14.60 -22.18
C GLY A 63 -15.72 -14.15 -20.94
N ALA A 64 -14.43 -14.48 -20.88
CA ALA A 64 -13.61 -14.06 -19.74
C ALA A 64 -13.06 -12.66 -19.95
N LEU A 65 -12.69 -12.01 -18.86
CA LEU A 65 -12.00 -10.73 -18.96
C LEU A 65 -10.50 -10.96 -19.17
N VAL A 66 -9.94 -10.31 -20.18
CA VAL A 66 -8.50 -10.36 -20.40
C VAL A 66 -7.96 -8.96 -20.58
N MET A 67 -6.65 -8.83 -20.75
CA MET A 67 -6.04 -7.53 -20.93
C MET A 67 -4.83 -7.60 -21.85
N LYS A 68 -4.48 -6.45 -22.42
CA LYS A 68 -3.19 -6.26 -23.05
C LYS A 68 -2.46 -5.14 -22.34
N ILE A 69 -1.16 -5.30 -22.15
CA ILE A 69 -0.36 -4.24 -21.56
C ILE A 69 0.61 -3.72 -22.61
N GLY A 70 0.35 -2.51 -23.09
CA GLY A 70 1.09 -1.97 -24.22
C GLY A 70 0.86 -2.82 -25.45
N ASN A 71 1.95 -3.37 -25.98
CA ASN A 71 1.86 -4.22 -27.17
C ASN A 71 2.02 -5.69 -26.83
N SER A 72 1.70 -6.06 -25.60
CA SER A 72 1.79 -7.46 -25.20
C SER A 72 0.69 -8.27 -25.87
N GLY A 73 0.81 -9.59 -25.80
CA GLY A 73 -0.28 -10.47 -26.18
C GLY A 73 -1.32 -10.40 -25.10
N THR A 74 -2.43 -11.10 -25.27
CA THR A 74 -3.48 -11.08 -24.27
C THR A 74 -3.05 -11.82 -23.00
N ILE A 75 -3.46 -11.27 -21.86
CA ILE A 75 -3.18 -11.87 -20.56
C ILE A 75 -4.50 -12.07 -19.84
N PRO A 76 -4.74 -13.28 -19.31
CA PRO A 76 -5.98 -13.52 -18.57
C PRO A 76 -6.09 -12.66 -17.32
N VAL A 77 -7.27 -12.08 -17.11
CA VAL A 77 -7.56 -11.31 -15.91
C VAL A 77 -8.58 -12.06 -15.06
N ASN A 78 -9.62 -12.55 -15.72
CA ASN A 78 -10.71 -13.26 -15.07
C ASN A 78 -11.33 -12.40 -13.97
N THR A 79 -11.49 -12.95 -12.77
CA THR A 79 -12.10 -12.19 -11.67
C THR A 79 -11.16 -11.11 -11.15
N GLY A 80 -9.88 -11.23 -11.48
CA GLY A 80 -8.92 -10.23 -11.09
C GLY A 80 -7.54 -10.78 -10.80
N LEU A 81 -6.63 -9.87 -10.48
CA LEU A 81 -5.26 -10.21 -10.17
C LEU A 81 -4.90 -9.59 -8.82
N PHE A 82 -4.26 -10.38 -7.95
CA PHE A 82 -3.95 -9.91 -6.60
C PHE A 82 -2.46 -9.63 -6.44
N ARG A 83 -2.12 -8.36 -6.25
CA ARG A 83 -0.74 -7.90 -6.10
C ARG A 83 0.16 -8.55 -7.14
N TRP A 84 -0.13 -8.22 -8.40
CA TRP A 84 0.38 -8.96 -9.55
C TRP A 84 1.52 -8.21 -10.23
N VAL A 85 2.55 -8.96 -10.61
CA VAL A 85 3.69 -8.42 -11.34
C VAL A 85 3.76 -9.02 -12.74
N ALA A 86 3.96 -8.18 -13.75
CA ALA A 86 3.98 -8.62 -15.14
C ALA A 86 5.26 -9.38 -15.48
N PRO A 87 5.22 -10.19 -16.57
CA PRO A 87 6.45 -10.77 -17.10
C PRO A 87 7.41 -9.67 -17.53
N ASN A 88 8.70 -9.98 -17.65
CA ASN A 88 9.68 -8.97 -18.01
C ASN A 88 9.46 -8.46 -19.42
N ASN A 89 9.88 -7.22 -19.66
CA ASN A 89 9.70 -6.52 -20.94
C ASN A 89 8.23 -6.26 -21.28
N VAL A 90 7.35 -6.39 -20.30
CA VAL A 90 5.95 -6.04 -20.49
C VAL A 90 5.62 -4.74 -19.78
N GLN A 91 5.13 -3.76 -20.54
CA GLN A 91 4.84 -2.44 -20.00
C GLN A 91 3.98 -1.63 -20.96
N GLY A 92 3.37 -0.57 -20.44
CA GLY A 92 2.53 0.29 -21.26
C GLY A 92 1.11 0.38 -20.73
N ALA A 93 0.24 1.05 -21.48
CA ALA A 93 -1.13 1.25 -21.08
C ALA A 93 -1.87 -0.09 -20.98
N ILE A 94 -2.73 -0.21 -19.98
CA ILE A 94 -3.54 -1.41 -19.83
C ILE A 94 -4.88 -1.23 -20.53
N THR A 95 -5.19 -2.15 -21.44
CA THR A 95 -6.48 -2.19 -22.10
C THR A 95 -7.21 -3.47 -21.72
N LEU A 96 -8.44 -3.32 -21.24
CA LEU A 96 -9.25 -4.47 -20.86
C LEU A 96 -10.12 -4.92 -22.03
N ILE A 97 -10.19 -6.24 -22.25
CA ILE A 97 -10.94 -6.77 -23.38
C ILE A 97 -11.77 -8.00 -23.01
N TYR A 98 -12.97 -8.07 -23.57
CA TYR A 98 -13.82 -9.26 -23.45
C TYR A 98 -13.27 -10.36 -24.35
N ASN A 99 -13.16 -11.58 -23.84
CA ASN A 99 -12.57 -12.66 -24.62
C ASN A 99 -13.59 -13.27 -25.58
N ASP A 100 -13.43 -12.99 -26.86
CA ASP A 100 -14.30 -13.58 -27.88
C ASP A 100 -13.49 -13.79 -29.16
N VAL A 101 -14.10 -14.41 -30.15
CA VAL A 101 -13.46 -14.60 -31.44
C VAL A 101 -13.56 -13.31 -32.27
N PRO A 102 -12.44 -12.89 -32.88
CA PRO A 102 -12.46 -11.68 -33.70
C PRO A 102 -13.55 -11.74 -34.77
N GLY A 103 -14.33 -10.68 -34.88
CA GLY A 103 -15.40 -10.62 -35.87
C GLY A 103 -16.74 -11.10 -35.35
N THR A 104 -16.79 -11.54 -34.10
CA THR A 104 -18.03 -12.06 -33.54
C THR A 104 -18.50 -11.29 -32.31
N TYR A 105 -17.98 -10.08 -32.12
CA TYR A 105 -18.34 -9.28 -30.95
C TYR A 105 -19.70 -8.60 -31.10
N GLY A 106 -20.24 -8.61 -32.33
CA GLY A 106 -21.46 -7.90 -32.63
C GLY A 106 -22.70 -8.32 -31.84
N ASN A 107 -22.76 -9.59 -31.43
CA ASN A 107 -23.94 -10.10 -30.72
C ASN A 107 -23.71 -10.25 -29.22
N ASN A 108 -22.62 -9.66 -28.72
CA ASN A 108 -22.33 -9.72 -27.30
C ASN A 108 -23.18 -8.72 -26.52
N SER A 109 -23.33 -8.96 -25.22
CA SER A 109 -24.11 -8.07 -24.36
C SER A 109 -23.56 -8.06 -22.95
N GLY A 110 -23.94 -7.06 -22.17
CA GLY A 110 -23.45 -6.93 -20.82
C GLY A 110 -22.09 -6.31 -20.73
N SER A 111 -21.53 -6.29 -19.52
CA SER A 111 -20.26 -5.63 -19.28
C SER A 111 -19.69 -6.03 -17.93
N PHE A 112 -18.41 -5.79 -17.75
CA PHE A 112 -17.77 -6.01 -16.46
C PHE A 112 -17.39 -4.67 -15.86
N SER A 113 -17.69 -4.49 -14.58
CA SER A 113 -17.18 -3.35 -13.83
C SER A 113 -15.83 -3.73 -13.23
N VAL A 114 -14.81 -2.90 -13.48
CA VAL A 114 -13.46 -3.28 -13.12
C VAL A 114 -12.74 -2.18 -12.35
N ASN A 115 -12.06 -2.59 -11.29
CA ASN A 115 -11.16 -1.70 -10.54
C ASN A 115 -9.71 -2.07 -10.77
N ILE A 116 -8.87 -1.08 -11.05
CA ILE A 116 -7.42 -1.30 -11.12
C ILE A 116 -6.69 -0.28 -10.26
N GLY A 117 -5.75 -0.76 -9.46
CA GLY A 117 -4.92 0.12 -8.65
C GLY A 117 -3.49 -0.37 -8.62
N LYS A 118 -2.55 0.55 -8.39
CA LYS A 118 -1.17 0.15 -8.20
C LYS A 118 -0.92 -0.09 -6.71
N ASP A 119 -0.13 -1.12 -6.42
CA ASP A 119 0.11 -1.49 -5.04
C ASP A 119 1.48 -1.07 -4.55
N GLN A 120 1.69 -1.23 -3.25
CA GLN A 120 2.98 -1.00 -2.62
C GLN A 120 4.09 -1.80 -3.32
N SER A 121 5.23 -1.15 -3.55
CA SER A 121 6.38 -1.80 -4.17
C SER A 121 7.67 -1.35 -3.51
N ALA B 1 -1.01 -11.05 4.93
CA ALA B 1 -1.93 -11.47 3.88
C ALA B 1 -2.31 -12.93 4.03
N TRP B 2 -3.46 -13.31 3.48
CA TRP B 2 -3.93 -14.68 3.55
C TRP B 2 -4.32 -15.20 2.19
N LYS B 3 -3.96 -16.45 1.91
CA LYS B 3 -4.43 -17.13 0.71
C LYS B 3 -4.82 -18.55 1.07
N GLY B 4 -5.94 -19.01 0.53
CA GLY B 4 -6.39 -20.37 0.78
C GLY B 4 -7.66 -20.71 0.04
N GLU B 5 -8.10 -21.96 0.19
CA GLU B 5 -9.27 -22.47 -0.52
C GLU B 5 -10.51 -22.43 0.36
N VAL B 6 -11.64 -22.12 -0.26
CA VAL B 6 -12.93 -22.14 0.43
C VAL B 6 -13.80 -23.22 -0.20
N LEU B 7 -14.00 -24.31 0.52
CA LEU B 7 -14.77 -25.44 -0.03
C LEU B 7 -16.27 -25.16 0.00
N ALA B 8 -16.93 -25.51 -1.10
CA ALA B 8 -18.37 -25.25 -1.26
C ALA B 8 -19.22 -26.04 -0.27
N ASN B 9 -18.74 -27.20 0.17
CA ASN B 9 -19.53 -28.02 1.09
C ASN B 9 -19.21 -27.76 2.56
N ASN B 10 -18.33 -26.78 2.80
CA ASN B 10 -17.97 -26.39 4.16
C ASN B 10 -19.00 -25.41 4.73
N GLU B 11 -20.00 -25.94 5.43
CA GLU B 11 -21.10 -25.11 5.92
C GLU B 11 -20.64 -24.14 6.99
N ALA B 12 -19.69 -24.57 7.83
CA ALA B 12 -19.17 -23.70 8.88
C ALA B 12 -18.33 -22.57 8.29
N GLY B 13 -17.79 -22.81 7.10
CA GLY B 13 -17.01 -21.80 6.40
C GLY B 13 -15.53 -21.89 6.74
N GLN B 14 -14.72 -21.14 6.01
CA GLN B 14 -13.27 -21.17 6.16
C GLN B 14 -12.76 -19.96 6.94
N VAL B 15 -12.25 -20.20 8.14
CA VAL B 15 -11.65 -19.14 8.94
C VAL B 15 -10.30 -18.74 8.36
N THR B 16 -10.04 -17.44 8.28
CA THR B 16 -8.76 -16.96 7.76
C THR B 16 -7.94 -16.35 8.89
N SER B 17 -6.70 -15.99 8.56
CA SER B 17 -5.80 -15.37 9.54
C SER B 17 -5.99 -13.86 9.59
N ILE B 18 -6.95 -13.36 8.82
CA ILE B 18 -7.20 -11.92 8.79
C ILE B 18 -8.18 -11.49 9.87
N ILE B 19 -7.73 -10.60 10.74
CA ILE B 19 -8.60 -9.95 11.71
C ILE B 19 -8.88 -8.54 11.24
N TYR B 20 -10.13 -8.26 10.87
CA TYR B 20 -10.49 -6.92 10.46
C TYR B 20 -10.64 -6.03 11.69
N ASN B 21 -9.87 -4.94 11.71
CA ASN B 21 -9.92 -3.96 12.78
C ASN B 21 -10.51 -2.65 12.26
N PRO B 22 -11.12 -1.84 13.16
CA PRO B 22 -11.67 -0.55 12.76
C PRO B 22 -10.66 0.30 12.00
N GLY B 23 -11.05 0.80 10.83
CA GLY B 23 -10.19 1.64 10.03
C GLY B 23 -9.47 0.87 8.93
N ASP B 24 -9.45 -0.45 9.04
CA ASP B 24 -8.75 -1.27 8.06
C ASP B 24 -9.35 -1.14 6.66
N VAL B 25 -8.46 -1.14 5.67
CA VAL B 25 -8.85 -1.23 4.28
C VAL B 25 -8.36 -2.57 3.73
N ILE B 26 -9.26 -3.36 3.14
CA ILE B 26 -8.84 -4.67 2.64
C ILE B 26 -9.18 -4.88 1.18
N THR B 27 -8.45 -5.80 0.57
CA THR B 27 -8.71 -6.23 -0.80
C THR B 27 -8.85 -7.73 -0.83
N ILE B 28 -9.92 -8.20 -1.47
CA ILE B 28 -10.15 -9.63 -1.67
C ILE B 28 -10.26 -9.91 -3.15
N VAL B 29 -9.61 -10.98 -3.60
CA VAL B 29 -9.80 -11.47 -4.96
C VAL B 29 -10.10 -12.96 -4.92
N ALA B 30 -11.24 -13.36 -5.48
CA ALA B 30 -11.67 -14.76 -5.43
C ALA B 30 -11.78 -15.34 -6.82
N ALA B 31 -11.35 -16.60 -6.96
CA ALA B 31 -11.40 -17.28 -8.25
C ALA B 31 -11.78 -18.75 -8.09
N GLY B 32 -12.24 -19.37 -9.17
CA GLY B 32 -12.52 -20.79 -9.15
C GLY B 32 -13.94 -21.17 -9.50
N TRP B 33 -14.22 -22.46 -9.37
CA TRP B 33 -15.49 -23.03 -9.80
C TRP B 33 -16.11 -23.94 -8.74
N ALA B 34 -17.38 -23.74 -8.47
CA ALA B 34 -18.08 -24.52 -7.45
C ALA B 34 -19.56 -24.73 -7.79
N SER B 35 -20.18 -25.66 -7.09
CA SER B 35 -21.58 -25.97 -7.31
C SER B 35 -22.32 -26.21 -6.00
N TYR B 36 -23.58 -25.79 -5.96
CA TYR B 36 -24.45 -25.99 -4.81
C TYR B 36 -25.26 -27.27 -4.97
N GLY B 37 -24.96 -28.04 -6.02
CA GLY B 37 -25.71 -29.26 -6.29
C GLY B 37 -25.66 -29.76 -7.72
N PRO B 38 -26.08 -28.92 -8.68
CA PRO B 38 -26.07 -29.33 -10.10
C PRO B 38 -24.69 -29.71 -10.62
N THR B 39 -24.66 -30.46 -11.71
CA THR B 39 -23.41 -30.86 -12.34
C THR B 39 -22.64 -29.66 -12.87
N GLN B 40 -23.38 -28.61 -13.26
CA GLN B 40 -22.78 -27.36 -13.69
C GLN B 40 -22.05 -26.71 -12.52
N LYS B 41 -21.01 -25.94 -12.81
CA LYS B 41 -20.34 -25.15 -11.79
C LYS B 41 -20.41 -23.67 -12.12
N TRP B 42 -20.34 -22.84 -11.08
CA TRP B 42 -20.41 -21.38 -11.22
C TRP B 42 -19.22 -20.72 -10.53
N GLY B 43 -18.90 -19.50 -10.96
CA GLY B 43 -17.87 -18.70 -10.32
C GLY B 43 -18.32 -18.10 -9.00
N PRO B 44 -17.48 -17.21 -8.43
CA PRO B 44 -17.69 -16.62 -7.10
C PRO B 44 -18.92 -15.72 -7.01
N GLN B 45 -19.51 -15.39 -8.15
CA GLN B 45 -20.75 -14.61 -8.17
C GLN B 45 -21.97 -15.52 -8.04
N GLY B 46 -21.74 -16.83 -8.21
CA GLY B 46 -22.81 -17.81 -8.08
C GLY B 46 -23.73 -17.89 -9.29
N ASP B 47 -24.94 -18.39 -9.06
CA ASP B 47 -25.89 -18.65 -10.13
C ASP B 47 -27.01 -17.59 -10.11
N ARG B 48 -26.98 -16.70 -11.09
CA ARG B 48 -27.90 -15.57 -11.16
C ARG B 48 -29.35 -16.00 -11.47
N GLU B 49 -29.53 -17.25 -11.87
CA GLU B 49 -30.86 -17.72 -12.27
C GLU B 49 -31.56 -18.55 -11.20
N HIS B 50 -30.82 -18.94 -10.16
CA HIS B 50 -31.37 -19.80 -9.12
C HIS B 50 -32.10 -19.00 -8.05
N PRO B 51 -33.33 -19.40 -7.71
CA PRO B 51 -34.09 -18.67 -6.70
C PRO B 51 -33.55 -18.86 -5.29
N ASP B 52 -33.66 -17.82 -4.48
CA ASP B 52 -33.27 -17.84 -3.07
C ASP B 52 -34.27 -18.67 -2.27
N GLN B 53 -33.80 -19.77 -1.68
CA GLN B 53 -34.66 -20.66 -0.91
C GLN B 53 -34.24 -20.74 0.55
N GLY B 54 -33.61 -19.68 1.04
CA GLY B 54 -33.17 -19.62 2.42
C GLY B 54 -31.66 -19.49 2.55
N LEU B 55 -31.05 -18.76 1.61
CA LEU B 55 -29.60 -18.59 1.59
C LEU B 55 -29.08 -17.89 2.85
N ILE B 56 -27.87 -18.24 3.26
CA ILE B 56 -27.27 -17.60 4.42
C ILE B 56 -26.99 -16.13 4.14
N CYS B 57 -26.93 -15.77 2.86
CA CYS B 57 -26.82 -14.37 2.47
C CYS B 57 -27.84 -14.04 1.38
N HIS B 58 -28.82 -13.21 1.71
CA HIS B 58 -29.90 -12.89 0.78
C HIS B 58 -29.49 -11.78 -0.19
N ASP B 59 -28.30 -11.21 0.02
CA ASP B 59 -27.82 -10.14 -0.85
C ASP B 59 -26.81 -10.67 -1.88
N ALA B 60 -26.73 -11.98 -2.00
CA ALA B 60 -25.86 -12.61 -2.98
C ALA B 60 -26.58 -13.82 -3.57
N PHE B 61 -26.18 -14.21 -4.78
CA PHE B 61 -26.80 -15.36 -5.42
C PHE B 61 -26.38 -16.66 -4.75
N CYS B 62 -27.19 -17.70 -4.95
CA CYS B 62 -26.80 -19.03 -4.50
C CYS B 62 -25.51 -19.45 -5.21
N GLY B 63 -24.53 -19.89 -4.44
CA GLY B 63 -23.26 -20.29 -5.00
C GLY B 63 -22.21 -19.19 -5.00
N ALA B 64 -22.56 -18.04 -4.43
CA ALA B 64 -21.63 -16.92 -4.36
C ALA B 64 -20.71 -17.06 -3.16
N LEU B 65 -19.58 -16.37 -3.20
CA LEU B 65 -18.71 -16.29 -2.02
C LEU B 65 -19.17 -15.14 -1.14
N VAL B 66 -19.36 -15.43 0.14
CA VAL B 66 -19.70 -14.38 1.11
C VAL B 66 -18.77 -14.50 2.31
N MET B 67 -18.93 -13.60 3.27
CA MET B 67 -18.09 -13.64 4.46
C MET B 67 -18.83 -13.15 5.69
N LYS B 68 -18.30 -13.53 6.85
CA LYS B 68 -18.68 -12.91 8.11
C LYS B 68 -17.43 -12.28 8.72
N ILE B 69 -17.60 -11.14 9.35
CA ILE B 69 -16.49 -10.50 10.07
C ILE B 69 -16.84 -10.46 11.55
N GLY B 70 -16.13 -11.24 12.35
CA GLY B 70 -16.49 -11.44 13.74
C GLY B 70 -17.84 -12.12 13.77
N ASN B 71 -18.77 -11.55 14.51
CA ASN B 71 -20.12 -12.10 14.57
C ASN B 71 -21.11 -11.26 13.79
N SER B 72 -20.62 -10.60 12.73
CA SER B 72 -21.50 -9.85 11.84
C SER B 72 -22.41 -10.80 11.08
N GLY B 73 -23.40 -10.23 10.39
CA GLY B 73 -24.19 -11.01 9.45
C GLY B 73 -23.34 -11.28 8.23
N THR B 74 -23.88 -12.01 7.27
CA THR B 74 -23.13 -12.31 6.06
C THR B 74 -23.00 -11.07 5.19
N ILE B 75 -21.83 -10.92 4.58
CA ILE B 75 -21.55 -9.83 3.66
C ILE B 75 -21.12 -10.42 2.33
N PRO B 76 -21.73 -9.96 1.22
CA PRO B 76 -21.35 -10.48 -0.09
C PRO B 76 -19.89 -10.16 -0.43
N VAL B 77 -19.18 -11.15 -0.95
CA VAL B 77 -17.81 -10.96 -1.41
C VAL B 77 -17.75 -11.08 -2.92
N ASN B 78 -18.42 -12.10 -3.45
CA ASN B 78 -18.46 -12.36 -4.88
C ASN B 78 -17.05 -12.53 -5.45
N THR B 79 -16.74 -11.84 -6.54
CA THR B 79 -15.41 -11.96 -7.14
C THR B 79 -14.34 -11.29 -6.28
N GLY B 80 -14.76 -10.41 -5.39
CA GLY B 80 -13.84 -9.75 -4.49
C GLY B 80 -14.24 -8.35 -4.10
N LEU B 81 -13.43 -7.76 -3.23
CA LEU B 81 -13.65 -6.41 -2.75
C LEU B 81 -12.40 -5.58 -3.00
N PHE B 82 -12.57 -4.37 -3.50
CA PHE B 82 -11.44 -3.53 -3.85
C PHE B 82 -11.29 -2.35 -2.89
N ARG B 83 -10.19 -2.35 -2.12
CA ARG B 83 -9.90 -1.31 -1.14
C ARG B 83 -11.13 -0.98 -0.32
N TRP B 84 -11.60 -1.99 0.40
CA TRP B 84 -12.92 -2.00 1.00
C TRP B 84 -12.88 -1.73 2.50
N VAL B 85 -13.78 -0.87 2.96
CA VAL B 85 -13.92 -0.56 4.37
C VAL B 85 -15.25 -1.12 4.88
N ALA B 86 -15.24 -1.70 6.07
CA ALA B 86 -16.44 -2.29 6.65
C ALA B 86 -17.38 -1.24 7.23
N PRO B 87 -18.67 -1.60 7.41
CA PRO B 87 -19.58 -0.74 8.15
C PRO B 87 -19.11 -0.56 9.61
N ASN B 88 -19.60 0.46 10.29
CA ASN B 88 -19.19 0.72 11.66
C ASN B 88 -19.59 -0.41 12.60
N ASN B 89 -18.79 -0.60 13.64
CA ASN B 89 -18.98 -1.64 14.65
C ASN B 89 -18.83 -3.05 14.08
N VAL B 90 -18.20 -3.17 12.92
CA VAL B 90 -17.90 -4.48 12.34
C VAL B 90 -16.41 -4.77 12.42
N GLN B 91 -16.06 -5.86 13.08
CA GLN B 91 -14.66 -6.18 13.35
C GLN B 91 -14.51 -7.63 13.81
N GLY B 92 -13.29 -8.16 13.67
CA GLY B 92 -13.01 -9.52 14.09
C GLY B 92 -12.51 -10.38 12.96
N ALA B 93 -12.34 -11.67 13.23
CA ALA B 93 -11.82 -12.62 12.26
C ALA B 93 -12.73 -12.71 11.04
N ILE B 94 -12.12 -12.78 9.86
CA ILE B 94 -12.87 -12.98 8.62
C ILE B 94 -13.00 -14.46 8.32
N THR B 95 -14.24 -14.91 8.13
CA THR B 95 -14.52 -16.27 7.71
C THR B 95 -15.21 -16.25 6.36
N LEU B 96 -14.68 -17.02 5.42
CA LEU B 96 -15.25 -17.08 4.08
C LEU B 96 -16.22 -18.25 4.00
N ILE B 97 -17.39 -18.02 3.40
CA ILE B 97 -18.43 -19.05 3.31
C ILE B 97 -19.07 -19.10 1.92
N TYR B 98 -19.33 -20.32 1.45
CA TYR B 98 -20.10 -20.54 0.23
C TYR B 98 -21.58 -20.26 0.51
N ASN B 99 -22.24 -19.53 -0.38
CA ASN B 99 -23.63 -19.16 -0.16
C ASN B 99 -24.57 -20.28 -0.55
N ASP B 100 -25.16 -20.94 0.45
CA ASP B 100 -26.14 -21.99 0.19
C ASP B 100 -27.17 -22.00 1.32
N VAL B 101 -28.21 -22.79 1.16
CA VAL B 101 -29.23 -22.96 2.20
C VAL B 101 -28.71 -23.89 3.30
N PRO B 102 -28.85 -23.46 4.57
CA PRO B 102 -28.40 -24.29 5.70
C PRO B 102 -28.99 -25.69 5.64
N GLY B 103 -28.13 -26.70 5.82
CA GLY B 103 -28.58 -28.08 5.79
C GLY B 103 -28.51 -28.69 4.40
N THR B 104 -28.05 -27.92 3.41
CA THR B 104 -27.99 -28.43 2.05
C THR B 104 -26.58 -28.37 1.45
N TYR B 105 -25.57 -28.24 2.29
CA TYR B 105 -24.19 -28.15 1.83
C TYR B 105 -23.62 -29.51 1.45
N GLY B 106 -24.33 -30.58 1.82
CA GLY B 106 -23.86 -31.93 1.61
C GLY B 106 -23.53 -32.31 0.17
N ASN B 107 -24.31 -31.80 -0.78
CA ASN B 107 -24.13 -32.18 -2.18
C ASN B 107 -23.32 -31.15 -2.97
N ASN B 108 -22.69 -30.22 -2.27
CA ASN B 108 -21.88 -29.21 -2.92
C ASN B 108 -20.54 -29.74 -3.37
N SER B 109 -19.91 -29.05 -4.33
CA SER B 109 -18.61 -29.49 -4.84
C SER B 109 -17.82 -28.28 -5.34
N GLY B 110 -16.53 -28.48 -5.52
CA GLY B 110 -15.64 -27.41 -5.94
C GLY B 110 -15.20 -26.51 -4.81
N SER B 111 -14.44 -25.47 -5.15
CA SER B 111 -13.94 -24.54 -4.15
C SER B 111 -13.53 -23.24 -4.81
N PHE B 112 -13.36 -22.21 -3.99
CA PHE B 112 -12.86 -20.93 -4.47
C PHE B 112 -11.48 -20.69 -3.88
N SER B 113 -10.53 -20.30 -4.71
CA SER B 113 -9.23 -19.84 -4.23
C SER B 113 -9.32 -18.35 -3.95
N VAL B 114 -8.91 -17.94 -2.75
CA VAL B 114 -9.13 -16.57 -2.33
C VAL B 114 -7.87 -15.93 -1.76
N ASN B 115 -7.61 -14.69 -2.17
CA ASN B 115 -6.57 -13.86 -1.59
C ASN B 115 -7.16 -12.72 -0.77
N ILE B 116 -6.65 -12.50 0.43
CA ILE B 116 -7.03 -11.34 1.23
C ILE B 116 -5.79 -10.62 1.74
N GLY B 117 -5.78 -9.30 1.60
CA GLY B 117 -4.70 -8.49 2.12
C GLY B 117 -5.22 -7.18 2.69
N LYS B 118 -4.47 -6.60 3.61
CA LYS B 118 -4.81 -5.28 4.13
C LYS B 118 -4.09 -4.24 3.27
N ASP B 119 -4.78 -3.13 3.01
CA ASP B 119 -4.24 -2.09 2.15
C ASP B 119 -3.78 -0.89 2.95
N GLN B 120 -3.18 0.07 2.26
CA GLN B 120 -2.80 1.33 2.88
C GLN B 120 -3.98 2.05 3.52
N SER B 121 -3.74 2.65 4.67
CA SER B 121 -4.74 3.48 5.31
C SER B 121 -4.09 4.78 5.76
N ALA C 1 11.34 -1.75 -3.83
CA ALA C 1 11.82 -0.75 -2.88
C ALA C 1 13.35 -0.71 -2.85
N TRP C 2 13.89 0.40 -2.38
CA TRP C 2 15.34 0.57 -2.33
C TRP C 2 15.79 1.01 -0.95
N LYS C 3 16.90 0.45 -0.49
CA LYS C 3 17.55 0.87 0.74
C LYS C 3 19.05 0.95 0.50
N GLY C 4 19.68 2.00 1.03
CA GLY C 4 21.11 2.16 0.85
C GLY C 4 21.66 3.39 1.53
N GLU C 5 22.96 3.57 1.43
CA GLU C 5 23.66 4.67 2.08
C GLU C 5 23.97 5.81 1.11
N VAL C 6 23.87 7.04 1.59
CA VAL C 6 24.19 8.21 0.79
C VAL C 6 25.34 8.95 1.46
N LEU C 7 26.52 8.86 0.86
CA LEU C 7 27.72 9.45 1.45
C LEU C 7 27.76 10.97 1.26
N ALA C 8 28.11 11.68 2.33
CA ALA C 8 28.13 13.13 2.33
C ALA C 8 29.16 13.71 1.37
N ASN C 9 30.23 12.97 1.10
CA ASN C 9 31.28 13.48 0.22
C ASN C 9 31.09 13.06 -1.24
N ASN C 10 29.98 12.41 -1.53
CA ASN C 10 29.66 11.99 -2.90
C ASN C 10 28.96 13.11 -3.65
N GLU C 11 29.75 13.93 -4.36
CA GLU C 11 29.21 15.10 -5.04
C GLU C 11 28.27 14.70 -6.16
N ALA C 12 28.57 13.59 -6.83
CA ALA C 12 27.74 13.11 -7.93
C ALA C 12 26.41 12.59 -7.41
N GLY C 13 26.40 12.15 -6.16
CA GLY C 13 25.18 11.65 -5.54
C GLY C 13 25.01 10.16 -5.72
N GLN C 14 24.04 9.60 -5.00
CA GLN C 14 23.78 8.17 -5.02
C GLN C 14 22.57 7.81 -5.87
N VAL C 15 22.80 7.11 -6.97
CA VAL C 15 21.71 6.65 -7.83
C VAL C 15 20.99 5.48 -7.16
N THR C 16 19.67 5.51 -7.18
CA THR C 16 18.88 4.42 -6.60
C THR C 16 18.27 3.58 -7.71
N SER C 17 17.65 2.46 -7.34
CA SER C 17 16.97 1.59 -8.29
C SER C 17 15.56 2.09 -8.58
N ILE C 18 15.17 3.18 -7.93
CA ILE C 18 13.83 3.71 -8.09
C ILE C 18 13.70 4.63 -9.31
N ILE C 19 12.80 4.26 -10.21
CA ILE C 19 12.42 5.14 -11.31
C ILE C 19 11.06 5.75 -11.01
N TYR C 20 11.02 7.04 -10.75
CA TYR C 20 9.74 7.69 -10.51
C TYR C 20 9.01 7.86 -11.84
N ASN C 21 7.80 7.31 -11.89
CA ASN C 21 6.96 7.42 -13.07
C ASN C 21 5.75 8.30 -12.77
N PRO C 22 5.19 8.95 -13.81
CA PRO C 22 4.00 9.80 -13.62
C PRO C 22 2.89 9.07 -12.87
N GLY C 23 2.40 9.68 -11.79
CA GLY C 23 1.31 9.11 -11.00
C GLY C 23 1.81 8.36 -9.79
N ASP C 24 3.11 8.07 -9.74
CA ASP C 24 3.66 7.33 -8.61
C ASP C 24 3.54 8.08 -7.30
N VAL C 25 3.26 7.34 -6.24
CA VAL C 25 3.30 7.86 -4.88
C VAL C 25 4.48 7.19 -4.17
N ILE C 26 5.35 7.97 -3.56
CA ILE C 26 6.52 7.39 -2.90
C ILE C 26 6.67 7.84 -1.46
N THR C 27 7.33 7.00 -0.67
CA THR C 27 7.67 7.34 0.70
C THR C 27 9.19 7.19 0.88
N ILE C 28 9.79 8.21 1.48
CA ILE C 28 11.21 8.19 1.79
C ILE C 28 11.40 8.40 3.29
N VAL C 29 12.28 7.61 3.89
CA VAL C 29 12.69 7.84 5.28
C VAL C 29 14.21 7.85 5.35
N ALA C 30 14.77 8.92 5.89
CA ALA C 30 16.22 9.06 5.95
C ALA C 30 16.69 9.21 7.39
N ALA C 31 17.79 8.55 7.72
CA ALA C 31 18.36 8.62 9.06
C ALA C 31 19.87 8.73 9.00
N GLY C 32 20.48 9.17 10.08
CA GLY C 32 21.94 9.18 10.15
C GLY C 32 22.55 10.54 10.42
N TRP C 33 23.87 10.55 10.42
CA TRP C 33 24.65 11.73 10.81
C TRP C 33 25.75 12.04 9.80
N ALA C 34 25.82 13.29 9.37
CA ALA C 34 26.82 13.70 8.39
C ALA C 34 27.31 15.12 8.64
N SER C 35 28.40 15.49 7.98
CA SER C 35 28.97 16.83 8.12
C SER C 35 29.46 17.37 6.79
N TYR C 36 29.34 18.68 6.61
CA TYR C 36 29.81 19.35 5.40
C TYR C 36 31.22 19.89 5.61
N GLY C 37 31.83 19.54 6.74
CA GLY C 37 33.16 20.05 7.08
C GLY C 37 33.48 20.06 8.56
N PRO C 38 32.66 20.75 9.37
CA PRO C 38 32.90 20.82 10.82
C PRO C 38 32.94 19.45 11.50
N THR C 39 33.55 19.40 12.68
CA THR C 39 33.63 18.18 13.46
C THR C 39 32.24 17.73 13.91
N GLN C 40 31.35 18.70 14.10
CA GLN C 40 29.96 18.40 14.43
C GLN C 40 29.28 17.69 13.27
N LYS C 41 28.30 16.85 13.59
CA LYS C 41 27.49 16.22 12.55
C LYS C 41 26.03 16.60 12.71
N TRP C 42 25.29 16.60 11.61
CA TRP C 42 23.89 16.95 11.60
C TRP C 42 23.06 15.85 10.94
N GLY C 43 21.76 15.83 11.23
CA GLY C 43 20.86 14.88 10.60
C GLY C 43 20.48 15.30 9.19
N PRO C 44 19.50 14.59 8.60
CA PRO C 44 19.09 14.80 7.20
C PRO C 44 18.45 16.16 6.93
N GLN C 45 18.15 16.92 7.99
CA GLN C 45 17.64 18.28 7.82
C GLN C 45 18.79 19.27 7.71
N GLY C 46 20.00 18.81 8.02
CA GLY C 46 21.17 19.66 7.91
C GLY C 46 21.33 20.68 9.03
N ASP C 47 22.12 21.72 8.75
CA ASP C 47 22.47 22.73 9.75
C ASP C 47 21.67 24.01 9.52
N ARG C 48 20.69 24.26 10.38
CA ARG C 48 19.80 25.41 10.24
C ARG C 48 20.51 26.74 10.49
N GLU C 49 21.72 26.69 11.05
CA GLU C 49 22.44 27.91 11.40
C GLU C 49 23.45 28.34 10.33
N HIS C 50 23.74 27.45 9.39
CA HIS C 50 24.78 27.71 8.39
C HIS C 50 24.24 28.47 7.18
N PRO C 51 24.94 29.54 6.79
CA PRO C 51 24.54 30.34 5.63
C PRO C 51 24.69 29.59 4.30
N ASP C 52 23.75 29.82 3.39
CA ASP C 52 23.80 29.26 2.04
C ASP C 52 24.84 30.00 1.22
N GLN C 53 25.90 29.30 0.83
CA GLN C 53 26.99 29.89 0.05
C GLN C 53 27.09 29.30 -1.35
N GLY C 54 25.95 28.89 -1.90
CA GLY C 54 25.92 28.30 -3.22
C GLY C 54 25.55 26.84 -3.20
N LEU C 55 24.63 26.47 -2.31
CA LEU C 55 24.17 25.10 -2.17
C LEU C 55 23.51 24.58 -3.45
N ILE C 56 23.65 23.29 -3.72
CA ILE C 56 23.01 22.70 -4.90
C ILE C 56 21.49 22.73 -4.75
N CYS C 57 21.01 22.86 -3.51
CA CYS C 57 19.59 23.07 -3.26
C CYS C 57 19.39 24.24 -2.29
N HIS C 58 18.82 25.33 -2.81
CA HIS C 58 18.63 26.54 -2.01
C HIS C 58 17.38 26.45 -1.13
N ASP C 59 16.60 25.40 -1.32
CA ASP C 59 15.37 25.21 -0.55
C ASP C 59 15.58 24.27 0.64
N ALA C 60 16.84 23.94 0.90
CA ALA C 60 17.18 23.09 2.04
C ALA C 60 18.45 23.61 2.69
N PHE C 61 18.65 23.27 3.95
CA PHE C 61 19.85 23.71 4.66
C PHE C 61 21.09 22.98 4.15
N CYS C 62 22.25 23.58 4.40
CA CYS C 62 23.51 22.92 4.13
C CYS C 62 23.59 21.65 4.97
N GLY C 63 23.88 20.52 4.32
CA GLY C 63 23.97 19.26 5.02
C GLY C 63 22.67 18.47 5.02
N ALA C 64 21.66 18.99 4.32
CA ALA C 64 20.39 18.29 4.21
C ALA C 64 20.45 17.23 3.12
N LEU C 65 19.55 16.25 3.19
CA LEU C 65 19.41 15.29 2.11
C LEU C 65 18.49 15.86 1.05
N VAL C 66 18.93 15.83 -0.20
CA VAL C 66 18.08 16.25 -1.32
C VAL C 66 18.11 15.18 -2.40
N MET C 67 17.34 15.39 -3.46
CA MET C 67 17.31 14.44 -4.57
C MET C 67 17.10 15.13 -5.90
N LYS C 68 17.48 14.43 -6.97
CA LYS C 68 17.06 14.79 -8.31
C LYS C 68 16.25 13.62 -8.89
N ILE C 69 15.20 13.94 -9.62
CA ILE C 69 14.42 12.91 -10.31
C ILE C 69 14.58 13.10 -11.81
N GLY C 70 15.29 12.18 -12.43
CA GLY C 70 15.66 12.33 -13.83
C GLY C 70 16.57 13.54 -13.95
N ASN C 71 16.22 14.46 -14.85
CA ASN C 71 17.00 15.66 -15.05
C ASN C 71 16.34 16.88 -14.42
N SER C 72 15.59 16.64 -13.33
CA SER C 72 14.98 17.74 -12.60
C SER C 72 16.03 18.49 -11.80
N GLY C 73 15.64 19.65 -11.28
CA GLY C 73 16.47 20.36 -10.32
C GLY C 73 16.40 19.64 -8.98
N THR C 74 17.20 20.08 -8.03
CA THR C 74 17.20 19.44 -6.71
C THR C 74 15.87 19.65 -5.98
N ILE C 75 15.45 18.61 -5.28
CA ILE C 75 14.23 18.65 -4.48
C ILE C 75 14.59 18.27 -3.05
N PRO C 76 14.15 19.08 -2.07
CA PRO C 76 14.44 18.75 -0.67
C PRO C 76 13.81 17.42 -0.24
N VAL C 77 14.60 16.58 0.40
CA VAL C 77 14.11 15.32 0.96
C VAL C 77 14.05 15.44 2.48
N ASN C 78 15.13 15.97 3.05
CA ASN C 78 15.27 16.13 4.49
C ASN C 78 15.09 14.77 5.20
N THR C 79 14.27 14.73 6.24
CA THR C 79 14.09 13.47 6.98
C THR C 79 13.29 12.46 6.17
N GLY C 80 12.59 12.95 5.16
CA GLY C 80 11.85 12.06 4.28
C GLY C 80 10.60 12.68 3.71
N LEU C 81 9.92 11.91 2.87
CA LEU C 81 8.69 12.33 2.22
C LEU C 81 7.61 11.29 2.46
N PHE C 82 6.43 11.73 2.86
CA PHE C 82 5.35 10.83 3.20
C PHE C 82 4.25 10.81 2.13
N ARG C 83 4.13 9.67 1.45
CA ARG C 83 3.15 9.47 0.38
C ARG C 83 3.14 10.66 -0.57
N TRP C 84 4.29 10.87 -1.20
CA TRP C 84 4.61 12.09 -1.90
C TRP C 84 4.44 11.94 -3.42
N VAL C 85 3.87 12.95 -4.05
CA VAL C 85 3.70 12.99 -5.50
C VAL C 85 4.52 14.12 -6.09
N ALA C 86 5.27 13.82 -7.15
CA ALA C 86 6.14 14.82 -7.77
C ALA C 86 5.35 15.88 -8.53
N PRO C 87 5.98 17.04 -8.78
CA PRO C 87 5.38 18.04 -9.67
C PRO C 87 5.20 17.50 -11.08
N ASN C 88 4.42 18.18 -11.90
CA ASN C 88 4.16 17.73 -13.27
C ASN C 88 5.43 17.68 -14.11
N ASN C 89 5.45 16.74 -15.05
CA ASN C 89 6.56 16.55 -15.99
C ASN C 89 7.88 16.19 -15.31
N VAL C 90 7.80 15.73 -14.06
CA VAL C 90 8.97 15.25 -13.35
C VAL C 90 8.95 13.73 -13.26
N GLN C 91 10.01 13.10 -13.77
CA GLN C 91 10.06 11.65 -13.83
C GLN C 91 11.48 11.16 -14.12
N GLY C 92 11.74 9.90 -13.84
CA GLY C 92 13.05 9.31 -14.09
C GLY C 92 13.68 8.75 -12.83
N ALA C 93 14.94 8.35 -12.96
CA ALA C 93 15.67 7.74 -11.85
C ALA C 93 15.84 8.73 -10.71
N ILE C 94 15.70 8.23 -9.49
CA ILE C 94 15.95 9.04 -8.31
C ILE C 94 17.40 8.94 -7.87
N THR C 95 18.05 10.08 -7.75
CA THR C 95 19.41 10.15 -7.22
C THR C 95 19.41 10.97 -5.94
N LEU C 96 19.98 10.41 -4.88
CA LEU C 96 20.04 11.11 -3.59
C LEU C 96 21.37 11.84 -3.46
N ILE C 97 21.31 13.09 -3.02
CA ILE C 97 22.52 13.90 -2.88
C ILE C 97 22.59 14.66 -1.56
N TYR C 98 23.79 14.73 -0.99
CA TYR C 98 24.05 15.56 0.17
C TYR C 98 24.12 17.03 -0.25
N ASN C 99 23.44 17.90 0.49
CA ASN C 99 23.37 19.30 0.08
C ASN C 99 24.61 20.07 0.52
N ASP C 100 25.47 20.40 -0.45
CA ASP C 100 26.66 21.19 -0.17
C ASP C 100 26.97 22.08 -1.37
N VAL C 101 27.96 22.95 -1.22
CA VAL C 101 28.40 23.80 -2.32
C VAL C 101 29.30 23.00 -3.27
N PRO C 102 29.03 23.07 -4.57
CA PRO C 102 29.84 22.35 -5.56
C PRO C 102 31.32 22.65 -5.40
N GLY C 103 32.15 21.60 -5.39
CA GLY C 103 33.58 21.76 -5.24
C GLY C 103 34.06 21.75 -3.80
N THR C 104 33.14 21.57 -2.86
CA THR C 104 33.51 21.57 -1.44
C THR C 104 33.13 20.27 -0.73
N TYR C 105 32.88 19.22 -1.51
CA TYR C 105 32.46 17.94 -0.95
C TYR C 105 33.62 17.13 -0.37
N GLY C 106 34.84 17.55 -0.68
CA GLY C 106 36.02 16.81 -0.27
C GLY C 106 36.21 16.62 1.22
N ASN C 107 35.77 17.60 2.02
CA ASN C 107 35.97 17.54 3.46
C ASN C 107 34.74 17.07 4.22
N ASN C 108 33.76 16.53 3.50
CA ASN C 108 32.55 16.02 4.10
C ASN C 108 32.77 14.63 4.72
N SER C 109 31.91 14.27 5.66
CA SER C 109 32.03 12.98 6.33
C SER C 109 30.66 12.45 6.74
N GLY C 110 30.60 11.16 7.00
CA GLY C 110 29.35 10.53 7.40
C GLY C 110 28.45 10.20 6.23
N SER C 111 27.23 9.77 6.54
CA SER C 111 26.30 9.36 5.50
C SER C 111 24.89 9.25 6.07
N PHE C 112 23.91 9.18 5.17
CA PHE C 112 22.54 8.95 5.55
C PHE C 112 22.07 7.60 5.03
N SER C 113 21.46 6.81 5.90
N SER C 113 21.45 6.80 5.89
CA SER C 113 20.80 5.58 5.47
CA SER C 113 20.80 5.58 5.46
C SER C 113 19.38 5.92 5.02
C SER C 113 19.37 5.92 5.03
N VAL C 114 19.02 5.53 3.81
CA VAL C 114 17.73 5.93 3.24
C VAL C 114 16.91 4.75 2.75
N ASN C 115 15.61 4.78 3.04
CA ASN C 115 14.64 3.86 2.45
C ASN C 115 13.71 4.58 1.47
N ILE C 116 13.52 4.01 0.29
CA ILE C 116 12.53 4.51 -0.66
C ILE C 116 11.63 3.38 -1.12
N GLY C 117 10.32 3.62 -1.09
CA GLY C 117 9.36 2.66 -1.59
C GLY C 117 8.25 3.35 -2.35
N LYS C 118 7.66 2.64 -3.31
CA LYS C 118 6.50 3.15 -4.00
C LYS C 118 5.26 2.78 -3.20
N ASP C 119 4.30 3.68 -3.17
CA ASP C 119 3.10 3.47 -2.37
C ASP C 119 1.89 3.12 -3.24
N GLN C 120 0.84 2.67 -2.57
CA GLN C 120 -0.45 2.43 -3.20
C GLN C 120 -0.92 3.67 -3.98
N SER C 121 -1.45 3.45 -5.18
CA SER C 121 -1.88 4.55 -6.03
C SER C 121 -3.11 4.18 -6.85
N ALA D 1 -4.97 7.39 8.25
CA ALA D 1 -3.67 7.96 8.53
C ALA D 1 -3.79 9.17 9.46
N TRP D 2 -2.68 9.55 10.08
CA TRP D 2 -2.67 10.65 11.03
C TRP D 2 -1.52 11.63 10.73
N LYS D 3 -1.81 12.91 10.88
CA LYS D 3 -0.79 13.95 10.79
C LYS D 3 -1.04 14.97 11.90
N GLY D 4 0.04 15.43 12.53
CA GLY D 4 -0.09 16.40 13.60
C GLY D 4 1.23 16.78 14.24
N GLU D 5 1.17 17.76 15.13
CA GLU D 5 2.36 18.29 15.79
C GLU D 5 2.60 17.63 17.14
N VAL D 6 3.87 17.44 17.47
CA VAL D 6 4.27 16.90 18.76
C VAL D 6 5.12 17.94 19.48
N LEU D 7 4.57 18.56 20.51
CA LEU D 7 5.26 19.64 21.22
C LEU D 7 6.34 19.11 22.16
N ALA D 8 7.51 19.74 22.11
CA ALA D 8 8.65 19.32 22.91
C ALA D 8 8.40 19.41 24.42
N ASN D 9 7.52 20.34 24.82
CA ASN D 9 7.26 20.55 26.24
C ASN D 9 6.06 19.76 26.74
N ASN D 10 5.51 18.92 25.87
CA ASN D 10 4.37 18.06 26.22
C ASN D 10 4.85 16.76 26.86
N GLU D 11 4.98 16.75 28.18
CA GLU D 11 5.55 15.60 28.88
C GLU D 11 4.66 14.35 28.76
N ALA D 12 3.35 14.56 28.72
CA ALA D 12 2.42 13.44 28.60
C ALA D 12 2.41 12.88 27.18
N GLY D 13 2.88 13.68 26.23
CA GLY D 13 2.99 13.24 24.85
C GLY D 13 1.72 13.48 24.05
N GLN D 14 1.83 13.29 22.73
CA GLN D 14 0.71 13.53 21.83
C GLN D 14 0.05 12.22 21.39
N VAL D 15 -1.19 12.01 21.83
CA VAL D 15 -1.96 10.84 21.41
C VAL D 15 -2.38 10.99 19.96
N THR D 16 -2.23 9.91 19.18
CA THR D 16 -2.65 9.92 17.78
C THR D 16 -3.91 9.09 17.61
N SER D 17 -4.49 9.16 16.42
CA SER D 17 -5.68 8.38 16.10
C SER D 17 -5.32 6.99 15.62
N ILE D 18 -4.02 6.70 15.56
CA ILE D 18 -3.55 5.39 15.11
C ILE D 18 -3.57 4.38 16.24
N ILE D 19 -4.33 3.30 16.04
CA ILE D 19 -4.27 2.15 16.93
C ILE D 19 -3.47 1.07 16.25
N TYR D 20 -2.32 0.73 16.81
CA TYR D 20 -1.52 -0.35 16.24
C TYR D 20 -2.10 -1.69 16.65
N ASN D 21 -2.45 -2.49 15.66
CA ASN D 21 -2.97 -3.83 15.88
C ASN D 21 -1.96 -4.88 15.44
N PRO D 22 -2.01 -6.09 16.04
CA PRO D 22 -1.11 -7.17 15.65
C PRO D 22 -1.09 -7.42 14.14
N GLY D 23 0.10 -7.45 13.55
CA GLY D 23 0.23 -7.68 12.12
C GLY D 23 0.39 -6.41 11.32
N ASP D 24 0.01 -5.28 11.91
CA ASP D 24 0.07 -4.00 11.22
C ASP D 24 1.48 -3.63 10.78
N VAL D 25 1.56 -3.03 9.60
CA VAL D 25 2.80 -2.42 9.12
C VAL D 25 2.59 -0.91 9.06
N ILE D 26 3.46 -0.14 9.68
CA ILE D 26 3.28 1.31 9.68
C ILE D 26 4.50 2.05 9.16
N THR D 27 4.25 3.25 8.67
CA THR D 27 5.30 4.15 8.24
C THR D 27 5.15 5.47 8.98
N ILE D 28 6.25 5.95 9.54
CA ILE D 28 6.28 7.25 10.20
C ILE D 28 7.34 8.14 9.55
N VAL D 29 7.00 9.40 9.31
CA VAL D 29 7.98 10.38 8.88
C VAL D 29 7.85 11.61 9.77
N ALA D 30 8.96 11.99 10.41
CA ALA D 30 8.96 13.12 11.34
C ALA D 30 9.89 14.21 10.87
N ALA D 31 9.47 15.46 11.03
CA ALA D 31 10.26 16.61 10.62
C ALA D 31 10.12 17.77 11.60
N GLY D 32 11.08 18.69 11.57
CA GLY D 32 10.98 19.90 12.39
C GLY D 32 12.12 20.11 13.35
N TRP D 33 11.99 21.13 14.18
CA TRP D 33 13.06 21.58 15.06
C TRP D 33 12.57 21.80 16.48
N ALA D 34 13.32 21.28 17.45
CA ALA D 34 12.94 21.42 18.85
C ALA D 34 14.15 21.45 19.76
N SER D 35 13.93 21.86 21.01
CA SER D 35 15.00 21.94 21.99
C SER D 35 14.54 21.44 23.35
N TYR D 36 15.44 20.82 24.09
CA TYR D 36 15.18 20.35 25.45
C TYR D 36 15.58 21.41 26.47
N GLY D 37 15.93 22.60 25.99
CA GLY D 37 16.39 23.66 26.87
C GLY D 37 17.28 24.72 26.23
N PRO D 38 18.40 24.29 25.63
CA PRO D 38 19.32 25.24 24.98
C PRO D 38 18.67 26.06 23.87
N THR D 39 19.30 27.19 23.53
CA THR D 39 18.82 28.04 22.46
C THR D 39 18.89 27.33 21.11
N GLN D 40 19.87 26.45 20.96
CA GLN D 40 20.00 25.63 19.76
C GLN D 40 18.80 24.69 19.66
N LYS D 41 18.40 24.35 18.43
CA LYS D 41 17.37 23.34 18.22
C LYS D 41 17.95 22.15 17.45
N TRP D 42 17.31 21.00 17.62
CA TRP D 42 17.74 19.76 16.96
C TRP D 42 16.56 19.12 16.24
N GLY D 43 16.87 18.27 15.26
CA GLY D 43 15.85 17.50 14.56
C GLY D 43 15.34 16.32 15.36
N PRO D 44 14.52 15.47 14.73
CA PRO D 44 13.87 14.31 15.36
C PRO D 44 14.85 13.27 15.89
N GLN D 45 16.13 13.35 15.51
CA GLN D 45 17.14 12.43 16.03
C GLN D 45 17.72 12.95 17.35
N GLY D 46 17.48 14.22 17.65
CA GLY D 46 17.94 14.80 18.90
C GLY D 46 19.39 15.25 18.89
N ASP D 47 19.94 15.37 20.10
CA ASP D 47 21.30 15.88 20.30
C ASP D 47 22.27 14.73 20.63
N ARG D 48 23.09 14.36 19.64
CA ARG D 48 24.00 13.23 19.78
C ARG D 48 25.12 13.47 20.78
N GLU D 49 25.27 14.72 21.22
CA GLU D 49 26.37 15.07 22.11
C GLU D 49 25.95 15.18 23.58
N HIS D 50 24.65 15.20 23.82
CA HIS D 50 24.12 15.41 25.17
C HIS D 50 24.02 14.10 25.95
N PRO D 51 24.58 14.07 27.16
CA PRO D 51 24.55 12.85 27.97
C PRO D 51 23.15 12.50 28.48
N ASP D 52 22.86 11.21 28.55
CA ASP D 52 21.62 10.69 29.10
C ASP D 52 21.58 10.90 30.61
N GLN D 53 20.63 11.72 31.07
CA GLN D 53 20.51 12.02 32.49
C GLN D 53 19.20 11.52 33.07
N GLY D 54 18.64 10.48 32.47
CA GLY D 54 17.39 9.91 32.91
C GLY D 54 16.28 10.07 31.89
N LEU D 55 16.63 9.93 30.61
CA LEU D 55 15.68 10.07 29.51
C LEU D 55 14.56 9.04 29.58
N ILE D 56 13.37 9.40 29.12
CA ILE D 56 12.26 8.45 29.09
C ILE D 56 12.54 7.33 28.10
N CYS D 57 13.47 7.56 27.18
CA CYS D 57 13.94 6.52 26.27
C CYS D 57 15.46 6.51 26.22
N HIS D 58 16.06 5.45 26.75
CA HIS D 58 17.51 5.35 26.83
C HIS D 58 18.12 4.85 25.51
N ASP D 59 17.28 4.45 24.57
CA ASP D 59 17.75 3.99 23.27
C ASP D 59 17.69 5.08 22.21
N ALA D 60 17.51 6.32 22.65
CA ALA D 60 17.49 7.46 21.75
C ALA D 60 18.15 8.64 22.43
N PHE D 61 18.62 9.59 21.64
CA PHE D 61 19.26 10.79 22.19
C PHE D 61 18.24 11.71 22.83
N CYS D 62 18.72 12.56 23.72
CA CYS D 62 17.89 13.62 24.27
C CYS D 62 17.47 14.55 23.13
N GLY D 63 16.17 14.82 23.03
CA GLY D 63 15.64 15.65 21.97
C GLY D 63 15.09 14.86 20.78
N ALA D 64 15.17 13.55 20.86
CA ALA D 64 14.67 12.69 19.79
C ALA D 64 13.18 12.43 19.95
N LEU D 65 12.53 12.09 18.84
CA LEU D 65 11.14 11.67 18.88
C LEU D 65 11.04 10.19 19.22
N VAL D 66 10.22 9.86 20.21
CA VAL D 66 9.96 8.46 20.56
C VAL D 66 8.46 8.24 20.62
N MET D 67 8.06 6.99 20.90
CA MET D 67 6.65 6.68 21.00
C MET D 67 6.38 5.59 22.02
N LYS D 68 5.13 5.54 22.47
CA LYS D 68 4.62 4.38 23.18
C LYS D 68 3.46 3.79 22.39
N ILE D 69 3.36 2.47 22.36
CA ILE D 69 2.22 1.81 21.73
C ILE D 69 1.44 1.09 22.82
N GLY D 70 0.26 1.61 23.13
CA GLY D 70 -0.51 1.11 24.25
C GLY D 70 0.26 1.30 25.54
N ASN D 71 0.50 0.20 26.24
CA ASN D 71 1.23 0.25 27.50
C ASN D 71 2.68 -0.19 27.36
N SER D 72 3.21 -0.13 26.15
CA SER D 72 4.61 -0.50 25.92
C SER D 72 5.55 0.51 26.55
N GLY D 73 6.82 0.14 26.67
CA GLY D 73 7.84 1.10 27.02
C GLY D 73 8.10 1.99 25.82
N THR D 74 8.97 2.98 25.97
CA THR D 74 9.27 3.89 24.87
C THR D 74 10.02 3.17 23.76
N ILE D 75 9.67 3.51 22.52
CA ILE D 75 10.32 3.00 21.34
C ILE D 75 10.85 4.16 20.51
N PRO D 76 12.14 4.12 20.14
CA PRO D 76 12.71 5.20 19.32
C PRO D 76 12.01 5.35 17.97
N VAL D 77 11.68 6.58 17.61
CA VAL D 77 11.10 6.88 16.31
C VAL D 77 12.11 7.63 15.44
N ASN D 78 12.74 8.62 16.04
CA ASN D 78 13.71 9.47 15.35
C ASN D 78 13.08 10.11 14.11
N THR D 79 13.76 10.03 12.97
CA THR D 79 13.25 10.66 11.75
C THR D 79 12.04 9.91 11.22
N GLY D 80 11.88 8.67 11.66
CA GLY D 80 10.72 7.88 11.27
C GLY D 80 11.01 6.40 11.16
N LEU D 81 9.97 5.64 10.82
CA LEU D 81 10.06 4.20 10.68
C LEU D 81 9.51 3.82 9.31
N PHE D 82 10.21 2.95 8.60
CA PHE D 82 9.83 2.58 7.25
C PHE D 82 9.28 1.15 7.18
N ARG D 83 7.98 1.04 6.87
CA ARG D 83 7.28 -0.24 6.78
C ARG D 83 7.65 -1.13 7.97
N TRP D 84 7.27 -0.63 9.15
CA TRP D 84 7.76 -1.14 10.42
C TRP D 84 6.74 -2.03 11.12
N VAL D 85 7.23 -3.14 11.69
CA VAL D 85 6.39 -4.05 12.46
C VAL D 85 6.84 -4.06 13.92
N ALA D 86 5.88 -3.97 14.84
CA ALA D 86 6.17 -3.92 16.27
C ALA D 86 6.60 -5.27 16.81
N PRO D 87 7.31 -5.28 17.95
CA PRO D 87 7.62 -6.53 18.64
C PRO D 87 6.36 -7.25 19.08
N ASN D 88 6.47 -8.53 19.42
CA ASN D 88 5.31 -9.33 19.84
C ASN D 88 4.62 -8.74 21.05
N ASN D 89 3.31 -8.95 21.11
CA ASN D 89 2.46 -8.52 22.23
C ASN D 89 2.41 -7.00 22.41
N VAL D 90 2.89 -6.26 21.42
CA VAL D 90 2.81 -4.80 21.45
C VAL D 90 1.66 -4.30 20.58
N GLN D 91 0.74 -3.57 21.20
CA GLN D 91 -0.45 -3.09 20.50
C GLN D 91 -1.15 -2.00 21.28
N GLY D 92 -1.99 -1.23 20.60
CA GLY D 92 -2.72 -0.15 21.24
C GLY D 92 -2.50 1.19 20.57
N ALA D 93 -3.03 2.24 21.17
CA ALA D 93 -2.90 3.59 20.63
C ALA D 93 -1.44 4.04 20.60
N ILE D 94 -1.08 4.75 19.54
CA ILE D 94 0.26 5.31 19.45
C ILE D 94 0.27 6.73 20.01
N THR D 95 1.17 6.95 20.98
CA THR D 95 1.39 8.27 21.53
C THR D 95 2.83 8.69 21.23
N LEU D 96 2.98 9.87 20.64
CA LEU D 96 4.30 10.39 20.30
C LEU D 96 4.83 11.27 21.41
N ILE D 97 6.10 11.11 21.78
CA ILE D 97 6.67 11.86 22.89
C ILE D 97 8.07 12.38 22.59
N TYR D 98 8.33 13.62 23.02
CA TYR D 98 9.66 14.19 23.00
C TYR D 98 10.52 13.54 24.10
N ASN D 99 11.71 13.07 23.73
CA ASN D 99 12.59 12.39 24.67
C ASN D 99 13.34 13.39 25.56
N ASP D 100 12.91 13.50 26.81
CA ASP D 100 13.59 14.35 27.77
C ASP D 100 13.54 13.66 29.13
N VAL D 101 14.18 14.25 30.12
CA VAL D 101 14.12 13.74 31.49
C VAL D 101 12.81 14.18 32.16
N PRO D 102 12.12 13.24 32.81
CA PRO D 102 10.87 13.58 33.52
C PRO D 102 11.07 14.75 34.49
N GLY D 103 10.15 15.70 34.45
CA GLY D 103 10.23 16.86 35.32
C GLY D 103 11.03 18.02 34.73
N THR D 104 11.54 17.83 33.52
CA THR D 104 12.36 18.88 32.90
C THR D 104 11.81 19.36 31.55
N TYR D 105 10.55 19.06 31.27
CA TYR D 105 9.93 19.44 30.01
C TYR D 105 9.52 20.92 29.95
N GLY D 106 9.53 21.58 31.10
CA GLY D 106 9.08 22.96 31.20
C GLY D 106 9.82 23.97 30.34
N ASN D 107 11.12 23.76 30.14
CA ASN D 107 11.93 24.71 29.40
C ASN D 107 12.15 24.29 27.95
N ASN D 108 11.40 23.31 27.49
CA ASN D 108 11.50 22.84 26.11
C ASN D 108 10.78 23.78 25.14
N SER D 109 11.14 23.71 23.87
CA SER D 109 10.51 24.55 22.86
C SER D 109 10.51 23.86 21.50
N GLY D 110 9.67 24.35 20.59
CA GLY D 110 9.58 23.78 19.27
C GLY D 110 8.68 22.56 19.21
N SER D 111 8.63 21.92 18.04
CA SER D 111 7.77 20.77 17.85
C SER D 111 8.19 19.98 16.63
N PHE D 112 7.72 18.75 16.55
CA PHE D 112 7.92 17.93 15.35
C PHE D 112 6.58 17.72 14.66
N SER D 113 6.56 17.90 13.34
CA SER D 113 5.40 17.53 12.54
C SER D 113 5.57 16.09 12.10
N VAL D 114 4.55 15.28 12.34
CA VAL D 114 4.67 13.84 12.12
C VAL D 114 3.54 13.28 11.28
N ASN D 115 3.88 12.42 10.34
CA ASN D 115 2.90 11.63 9.58
C ASN D 115 2.96 10.17 9.98
N ILE D 116 1.81 9.57 10.24
CA ILE D 116 1.72 8.13 10.47
C ILE D 116 0.66 7.53 9.58
N GLY D 117 1.00 6.42 8.93
CA GLY D 117 0.05 5.69 8.10
C GLY D 117 0.24 4.20 8.23
N LYS D 118 -0.82 3.45 7.99
CA LYS D 118 -0.70 2.00 7.96
C LYS D 118 -0.39 1.57 6.54
N ASP D 119 0.48 0.57 6.41
CA ASP D 119 0.91 0.11 5.10
C ASP D 119 0.24 -1.20 4.71
N GLN D 120 0.46 -1.59 3.46
CA GLN D 120 0.06 -2.89 2.94
C GLN D 120 0.60 -4.02 3.82
N SER D 121 -0.23 -4.99 4.14
CA SER D 121 0.24 -6.15 4.92
C SER D 121 -0.50 -7.42 4.53
#